data_8OUN
#
_entry.id   8OUN
#
_cell.length_a   43.290
_cell.length_b   59.930
_cell.length_c   72.350
_cell.angle_alpha   90.00
_cell.angle_beta   102.09
_cell.angle_gamma   90.00
#
_symmetry.space_group_name_H-M   'P 1 21 1'
#
loop_
_entity.id
_entity.type
_entity.pdbx_description
1 polymer 'GTP-binding protein'
2 non-polymer "GUANOSINE-5'-DIPHOSPHATE"
3 non-polymer 'MAGNESIUM ION'
4 water water
#
_entity_poly.entity_id   1
_entity_poly.type   'polypeptide(L)'
_entity_poly.pdbx_seq_one_letter_code
;MLLSFLQRLFRQKKQFKIAVVGLDSAGKTTMLNFLRFEKNIETLPTIGVNVEVLKRQNVNLSIFDLGGQLHFRNLWGTLM
KGSSAIIFVMDSADRYRIEEAKNELWKVLLDPNYPDAPLLIVANKQDKEGAMSIQEIISVCGLDNPEKLGNRSWHIQPTV
ATTGQGVEEAIKWIVMELDKLLEHHHHHH
;
_entity_poly.pdbx_strand_id   A,B
#
loop_
_chem_comp.id
_chem_comp.type
_chem_comp.name
_chem_comp.formula
GDP RNA linking GUANOSINE-5'-DIPHOSPHATE 'C10 H15 N5 O11 P2'
MG non-polymer 'MAGNESIUM ION' 'Mg 2'
#
# COMPACT_ATOMS: atom_id res chain seq x y z
N LEU A 2 -18.68 18.97 16.84
CA LEU A 2 -18.47 17.74 16.08
C LEU A 2 -17.56 16.77 16.80
N LEU A 3 -18.12 15.60 17.08
CA LEU A 3 -17.49 14.52 17.82
C LEU A 3 -17.01 15.04 19.17
N SER A 4 -17.91 15.75 19.89
CA SER A 4 -17.60 16.32 21.21
C SER A 4 -17.05 15.26 22.16
N PHE A 5 -17.56 14.01 22.00
CA PHE A 5 -17.19 12.90 22.84
C PHE A 5 -15.76 12.44 22.63
N LEU A 6 -15.02 12.95 21.61
CA LEU A 6 -13.57 12.62 21.53
C LEU A 6 -12.83 13.16 22.78
N GLN A 7 -13.42 14.17 23.47
CA GLN A 7 -12.89 14.69 24.73
C GLN A 7 -12.81 13.57 25.80
N ARG A 8 -13.63 12.49 25.69
CA ARG A 8 -13.55 11.37 26.63
C ARG A 8 -12.18 10.63 26.51
N LEU A 9 -11.53 10.71 25.33
CA LEU A 9 -10.19 10.19 25.16
C LEU A 9 -9.15 11.27 25.52
N PHE A 10 -9.36 12.51 25.04
CA PHE A 10 -8.38 13.59 25.29
C PHE A 10 -8.12 13.88 26.76
N ARG A 11 -9.13 13.70 27.60
CA ARG A 11 -9.04 13.97 29.04
C ARG A 11 -8.25 12.92 29.81
N GLN A 12 -8.03 11.73 29.21
CA GLN A 12 -7.30 10.67 29.90
C GLN A 12 -5.80 10.84 29.76
N LYS A 13 -5.08 10.57 30.84
CA LYS A 13 -3.63 10.69 30.86
C LYS A 13 -2.97 9.40 30.36
N LYS A 14 -3.16 9.12 29.06
CA LYS A 14 -2.58 7.97 28.39
C LYS A 14 -2.62 8.16 26.87
N GLN A 15 -1.91 7.32 26.14
CA GLN A 15 -1.88 7.39 24.69
C GLN A 15 -2.81 6.33 24.10
N PHE A 16 -3.59 6.72 23.11
CA PHE A 16 -4.48 5.81 22.42
C PHE A 16 -4.04 5.60 20.99
N LYS A 17 -4.21 4.38 20.49
CA LYS A 17 -3.93 4.09 19.10
C LYS A 17 -5.12 3.31 18.60
N ILE A 18 -5.80 3.82 17.59
CA ILE A 18 -6.94 3.14 16.98
C ILE A 18 -6.41 2.58 15.66
N ALA A 19 -6.30 1.26 15.57
CA ALA A 19 -5.84 0.61 14.36
C ALA A 19 -7.03 0.51 13.44
N VAL A 20 -6.91 1.03 12.21
CA VAL A 20 -7.98 1.00 11.20
C VAL A 20 -7.47 0.18 10.04
N VAL A 21 -7.94 -1.08 9.94
CA VAL A 21 -7.43 -2.04 8.97
C VAL A 21 -8.57 -2.61 8.11
N GLY A 22 -8.19 -3.26 7.02
CA GLY A 22 -9.10 -3.85 6.07
C GLY A 22 -8.43 -3.90 4.71
N LEU A 23 -9.03 -4.61 3.76
CA LEU A 23 -8.50 -4.66 2.39
C LEU A 23 -8.49 -3.26 1.76
N ASP A 24 -7.68 -3.06 0.71
CA ASP A 24 -7.68 -1.78 0.00
C ASP A 24 -9.07 -1.54 -0.60
N SER A 25 -9.48 -0.29 -0.67
CA SER A 25 -10.75 0.14 -1.25
C SER A 25 -11.95 -0.16 -0.36
N ALA A 26 -11.75 -0.65 0.87
CA ALA A 26 -12.89 -0.87 1.77
C ALA A 26 -13.58 0.44 2.17
N GLY A 27 -12.82 1.53 2.24
CA GLY A 27 -13.32 2.85 2.59
C GLY A 27 -12.74 3.47 3.85
N LYS A 28 -11.56 3.02 4.30
CA LYS A 28 -10.94 3.46 5.55
C LYS A 28 -10.59 4.96 5.53
N THR A 29 -9.97 5.42 4.43
CA THR A 29 -9.58 6.81 4.32
C THR A 29 -10.81 7.70 4.25
N THR A 30 -11.79 7.29 3.44
CA THR A 30 -13.03 8.04 3.28
C THR A 30 -13.75 8.19 4.63
N MET A 31 -13.77 7.12 5.41
CA MET A 31 -14.41 7.11 6.72
C MET A 31 -13.70 8.04 7.71
N LEU A 32 -12.37 7.96 7.79
CA LEU A 32 -11.66 8.76 8.79
C LEU A 32 -11.43 10.21 8.39
N ASN A 33 -11.64 10.57 7.10
CA ASN A 33 -11.45 11.97 6.68
C ASN A 33 -12.30 12.96 7.47
N PHE A 34 -13.47 12.52 7.98
CA PHE A 34 -14.41 13.32 8.78
C PHE A 34 -13.79 13.88 10.06
N LEU A 35 -12.78 13.19 10.62
CA LEU A 35 -12.13 13.62 11.86
C LEU A 35 -11.09 14.73 11.63
N ARG A 36 -10.62 14.92 10.39
CA ARG A 36 -9.64 15.95 10.06
C ARG A 36 -8.36 15.86 10.85
N PHE A 37 -7.97 14.66 11.27
CA PHE A 37 -6.71 14.49 11.99
C PHE A 37 -5.54 14.81 11.05
N GLU A 38 -4.49 15.38 11.62
CA GLU A 38 -3.33 15.79 10.86
C GLU A 38 -2.27 14.70 10.84
N LYS A 39 -1.49 14.68 9.76
CA LYS A 39 -0.47 13.67 9.56
C LYS A 39 0.58 13.70 10.66
N ASN A 40 1.04 12.53 11.07
CA ASN A 40 2.10 12.36 12.07
C ASN A 40 3.02 11.24 11.56
N ILE A 41 4.29 11.25 11.95
CA ILE A 41 5.23 10.21 11.53
C ILE A 41 5.53 9.29 12.70
N GLU A 42 5.36 7.97 12.49
CA GLU A 42 5.67 6.99 13.52
C GLU A 42 6.92 6.23 13.06
N THR A 43 7.98 6.26 13.85
CA THR A 43 9.21 5.57 13.48
C THR A 43 9.22 4.15 14.05
N LEU A 44 9.59 3.16 13.22
CA LEU A 44 9.73 1.77 13.67
C LEU A 44 11.22 1.44 13.53
N PRO A 45 12.01 1.71 14.59
CA PRO A 45 13.48 1.53 14.49
C PRO A 45 13.96 0.12 14.20
N THR A 46 13.27 -0.89 14.75
CA THR A 46 13.59 -2.30 14.53
C THR A 46 13.54 -2.64 13.03
N ILE A 47 12.43 -2.28 12.37
CA ILE A 47 12.25 -2.53 10.92
C ILE A 47 13.08 -1.57 10.06
N GLY A 48 13.26 -0.35 10.52
CA GLY A 48 13.97 0.65 9.75
C GLY A 48 13.03 1.30 8.76
N VAL A 49 11.83 1.63 9.21
CA VAL A 49 10.83 2.25 8.35
C VAL A 49 10.08 3.35 9.14
N ASN A 50 9.70 4.41 8.43
CA ASN A 50 8.92 5.51 8.98
C ASN A 50 7.54 5.39 8.38
N VAL A 51 6.49 5.51 9.20
CA VAL A 51 5.13 5.33 8.74
C VAL A 51 4.25 6.56 8.96
N GLU A 52 3.59 7.01 7.90
CA GLU A 52 2.67 8.13 7.97
C GLU A 52 1.36 7.70 8.57
N VAL A 53 1.03 8.26 9.74
CA VAL A 53 -0.21 7.99 10.46
C VAL A 53 -0.96 9.35 10.72
N LEU A 54 -2.01 9.35 11.54
CA LEU A 54 -2.77 10.55 11.87
C LEU A 54 -2.77 10.69 13.37
N LYS A 55 -2.78 11.93 13.87
CA LYS A 55 -2.79 12.12 15.31
C LYS A 55 -3.38 13.44 15.73
N ARG A 56 -4.23 13.38 16.74
CA ARG A 56 -4.83 14.55 17.38
C ARG A 56 -4.71 14.37 18.88
N GLN A 57 -3.96 15.26 19.53
CA GLN A 57 -3.70 15.20 20.95
C GLN A 57 -3.06 13.81 21.31
N ASN A 58 -3.70 13.02 22.18
CA ASN A 58 -3.20 11.72 22.58
C ASN A 58 -3.83 10.56 21.80
N VAL A 59 -4.49 10.83 20.66
CA VAL A 59 -5.14 9.78 19.86
C VAL A 59 -4.50 9.65 18.51
N ASN A 60 -3.95 8.49 18.26
CA ASN A 60 -3.28 8.15 17.02
C ASN A 60 -4.23 7.26 16.22
N LEU A 61 -4.40 7.52 14.93
CA LEU A 61 -5.19 6.67 14.03
C LEU A 61 -4.19 6.11 13.04
N SER A 62 -4.05 4.78 13.02
CA SER A 62 -3.10 4.13 12.10
C SER A 62 -3.90 3.34 11.07
N ILE A 63 -3.94 3.82 9.84
CA ILE A 63 -4.69 3.15 8.79
C ILE A 63 -3.78 2.27 8.00
N PHE A 64 -4.16 1.00 7.75
CA PHE A 64 -3.31 0.11 6.94
C PHE A 64 -4.14 -0.85 6.10
N ASP A 65 -3.81 -0.93 4.79
CA ASP A 65 -4.44 -1.86 3.86
C ASP A 65 -3.86 -3.24 4.07
N LEU A 66 -4.70 -4.20 4.37
CA LEU A 66 -4.29 -5.59 4.48
C LEU A 66 -4.37 -6.20 3.06
N GLY A 67 -3.55 -7.22 2.79
CA GLY A 67 -3.52 -7.89 1.49
C GLY A 67 -2.97 -7.06 0.34
N GLY A 68 -2.18 -6.06 0.67
CA GLY A 68 -1.62 -5.15 -0.32
C GLY A 68 -0.32 -5.66 -0.90
N GLN A 69 0.48 -4.76 -1.47
CA GLN A 69 1.78 -5.16 -2.03
C GLN A 69 2.84 -5.40 -0.97
N LEU A 70 2.63 -4.87 0.25
CA LEU A 70 3.57 -5.07 1.36
C LEU A 70 2.79 -5.54 2.58
N HIS A 71 3.27 -6.61 3.21
CA HIS A 71 2.66 -7.17 4.41
C HIS A 71 3.69 -7.11 5.55
N PHE A 72 3.25 -6.80 6.77
CA PHE A 72 4.14 -6.85 7.93
C PHE A 72 4.05 -8.29 8.45
N ARG A 73 5.20 -8.92 8.76
CA ARG A 73 5.19 -10.29 9.27
C ARG A 73 4.59 -10.35 10.68
N ASN A 74 4.74 -9.27 11.48
CA ASN A 74 4.15 -9.17 12.81
C ASN A 74 3.54 -7.78 12.92
N LEU A 75 2.42 -7.56 12.22
CA LEU A 75 1.74 -6.26 12.18
C LEU A 75 1.41 -5.73 13.57
N TRP A 76 0.87 -6.59 14.43
CA TRP A 76 0.40 -6.15 15.74
C TRP A 76 1.54 -5.97 16.78
N GLY A 77 2.75 -6.39 16.44
CA GLY A 77 3.90 -6.17 17.31
C GLY A 77 4.80 -5.06 16.81
N THR A 78 4.54 -4.53 15.60
CA THR A 78 5.34 -3.50 14.99
C THR A 78 4.47 -2.24 14.68
N LEU A 79 3.88 -2.11 13.47
CA LEU A 79 3.13 -0.92 13.11
C LEU A 79 1.99 -0.65 14.05
N MET A 80 1.28 -1.72 14.46
CA MET A 80 0.14 -1.56 15.34
C MET A 80 0.46 -1.76 16.82
N LYS A 81 1.75 -1.71 17.23
CA LYS A 81 2.11 -1.82 18.64
C LYS A 81 1.40 -0.73 19.47
N GLY A 82 0.82 -1.11 20.60
CA GLY A 82 0.11 -0.16 21.46
C GLY A 82 -1.33 0.06 21.08
N SER A 83 -1.91 -0.82 20.23
CA SER A 83 -3.30 -0.70 19.79
C SER A 83 -4.24 -0.77 20.98
N SER A 84 -5.14 0.22 21.06
CA SER A 84 -6.14 0.35 22.11
C SER A 84 -7.48 -0.23 21.65
N ALA A 85 -7.79 -0.03 20.36
CA ALA A 85 -9.03 -0.50 19.74
C ALA A 85 -8.75 -0.72 18.26
N ILE A 86 -9.57 -1.55 17.63
CA ILE A 86 -9.40 -1.86 16.22
C ILE A 86 -10.70 -1.62 15.48
N ILE A 87 -10.61 -0.97 14.30
CA ILE A 87 -11.76 -0.82 13.42
C ILE A 87 -11.40 -1.64 12.19
N PHE A 88 -12.18 -2.69 11.88
CA PHE A 88 -11.95 -3.50 10.69
C PHE A 88 -12.98 -3.09 9.65
N VAL A 89 -12.56 -2.41 8.58
CA VAL A 89 -13.50 -1.94 7.56
C VAL A 89 -13.61 -2.93 6.41
N MET A 90 -14.85 -3.26 5.99
CA MET A 90 -15.10 -4.13 4.85
C MET A 90 -15.96 -3.44 3.79
N ASP A 91 -15.73 -3.77 2.50
CA ASP A 91 -16.61 -3.27 1.45
C ASP A 91 -17.76 -4.28 1.45
N SER A 92 -18.92 -3.94 2.03
CA SER A 92 -20.04 -4.87 2.09
CA SER A 92 -20.05 -4.87 2.07
C SER A 92 -20.61 -5.24 0.73
N ALA A 93 -20.29 -4.48 -0.32
CA ALA A 93 -20.80 -4.79 -1.65
C ALA A 93 -19.87 -5.69 -2.45
N ASP A 94 -18.66 -5.98 -1.93
CA ASP A 94 -17.68 -6.73 -2.67
C ASP A 94 -17.65 -8.21 -2.28
N ARG A 95 -18.53 -9.00 -2.91
CA ARG A 95 -18.57 -10.45 -2.70
C ARG A 95 -17.35 -11.15 -3.30
N TYR A 96 -16.64 -10.52 -4.24
CA TYR A 96 -15.42 -11.12 -4.78
C TYR A 96 -14.30 -11.11 -3.75
N ARG A 97 -14.31 -10.15 -2.81
CA ARG A 97 -13.25 -10.06 -1.81
C ARG A 97 -13.70 -10.38 -0.40
N ILE A 98 -14.99 -10.75 -0.16
CA ILE A 98 -15.46 -10.98 1.20
C ILE A 98 -14.75 -12.16 1.88
N GLU A 99 -14.38 -13.23 1.15
CA GLU A 99 -13.69 -14.34 1.79
C GLU A 99 -12.28 -13.94 2.21
N GLU A 100 -11.60 -13.10 1.41
CA GLU A 100 -10.27 -12.60 1.82
C GLU A 100 -10.44 -11.69 3.03
N ALA A 101 -11.46 -10.79 3.01
CA ALA A 101 -11.72 -9.90 4.17
C ALA A 101 -12.00 -10.71 5.46
N LYS A 102 -12.78 -11.80 5.34
CA LYS A 102 -13.09 -12.69 6.47
C LYS A 102 -11.78 -13.30 7.00
N ASN A 103 -10.94 -13.79 6.09
CA ASN A 103 -9.69 -14.41 6.46
C ASN A 103 -8.76 -13.43 7.17
N GLU A 104 -8.65 -12.19 6.65
CA GLU A 104 -7.85 -11.16 7.32
C GLU A 104 -8.42 -10.80 8.67
N LEU A 105 -9.76 -10.76 8.79
CA LEU A 105 -10.40 -10.43 10.07
C LEU A 105 -10.03 -11.47 11.13
N TRP A 106 -10.08 -12.75 10.76
CA TRP A 106 -9.74 -13.79 11.72
C TRP A 106 -8.24 -13.77 12.08
N LYS A 107 -7.34 -13.36 11.17
CA LYS A 107 -5.91 -13.25 11.53
C LYS A 107 -5.72 -12.14 12.59
N VAL A 108 -6.54 -11.08 12.53
CA VAL A 108 -6.50 -10.00 13.52
C VAL A 108 -7.07 -10.56 14.84
N LEU A 109 -8.26 -11.17 14.78
CA LEU A 109 -8.92 -11.66 15.99
C LEU A 109 -8.10 -12.67 16.79
N LEU A 110 -7.37 -13.54 16.08
CA LEU A 110 -6.59 -14.59 16.72
C LEU A 110 -5.14 -14.20 17.03
N ASP A 111 -4.75 -12.93 16.77
CA ASP A 111 -3.39 -12.51 17.07
C ASP A 111 -3.25 -12.33 18.57
N PRO A 112 -2.13 -12.77 19.14
CA PRO A 112 -1.99 -12.70 20.60
C PRO A 112 -1.58 -11.36 21.22
N ASN A 113 -1.25 -10.35 20.41
CA ASN A 113 -0.75 -9.08 20.98
C ASN A 113 -1.76 -8.29 21.81
N TYR A 114 -2.95 -8.08 21.26
CA TYR A 114 -3.99 -7.29 21.92
C TYR A 114 -5.30 -8.08 21.92
N PRO A 115 -5.38 -9.17 22.70
CA PRO A 115 -6.62 -9.98 22.66
C PRO A 115 -7.86 -9.34 23.25
N ASP A 116 -7.67 -8.29 24.06
CA ASP A 116 -8.78 -7.60 24.70
C ASP A 116 -9.13 -6.26 24.04
N ALA A 117 -8.45 -5.89 22.95
CA ALA A 117 -8.74 -4.62 22.28
C ALA A 117 -10.12 -4.73 21.65
N PRO A 118 -11.03 -3.80 21.96
CA PRO A 118 -12.36 -3.84 21.31
C PRO A 118 -12.25 -3.74 19.81
N LEU A 119 -13.10 -4.48 19.10
CA LEU A 119 -13.03 -4.45 17.63
C LEU A 119 -14.37 -4.16 17.02
N LEU A 120 -14.41 -3.13 16.16
CA LEU A 120 -15.64 -2.79 15.45
C LEU A 120 -15.51 -3.21 13.99
N ILE A 121 -16.47 -3.99 13.51
CA ILE A 121 -16.50 -4.30 12.09
C ILE A 121 -17.35 -3.21 11.46
N VAL A 122 -16.79 -2.52 10.45
CA VAL A 122 -17.52 -1.52 9.72
C VAL A 122 -17.97 -2.11 8.38
N ALA A 123 -19.28 -2.30 8.20
CA ALA A 123 -19.81 -2.85 6.96
C ALA A 123 -20.08 -1.63 6.06
N ASN A 124 -19.06 -1.24 5.30
CA ASN A 124 -19.14 -0.01 4.50
C ASN A 124 -19.78 -0.21 3.12
N LYS A 125 -20.17 0.91 2.43
CA LYS A 125 -20.75 0.86 1.08
C LYS A 125 -22.16 0.25 1.09
N GLN A 126 -22.91 0.53 2.17
CA GLN A 126 -24.29 0.05 2.26
C GLN A 126 -25.23 0.72 1.24
N ASP A 127 -24.79 1.79 0.59
CA ASP A 127 -25.59 2.49 -0.43
C ASP A 127 -25.61 1.72 -1.76
N LYS A 128 -24.61 0.87 -2.01
CA LYS A 128 -24.51 0.17 -3.28
C LYS A 128 -25.56 -0.93 -3.42
N GLU A 129 -26.11 -1.08 -4.63
CA GLU A 129 -27.11 -2.12 -4.88
C GLU A 129 -26.70 -3.54 -4.44
N GLY A 130 -25.44 -3.91 -4.67
CA GLY A 130 -24.99 -5.25 -4.26
C GLY A 130 -24.71 -5.44 -2.77
N ALA A 131 -24.93 -4.43 -1.92
CA ALA A 131 -24.49 -4.51 -0.52
C ALA A 131 -25.06 -5.67 0.28
N MET A 132 -24.17 -6.43 0.98
CA MET A 132 -24.58 -7.52 1.85
C MET A 132 -25.13 -6.91 3.15
N SER A 133 -26.13 -7.54 3.76
CA SER A 133 -26.63 -7.07 5.05
C SER A 133 -25.63 -7.36 6.16
N ILE A 134 -25.73 -6.67 7.32
CA ILE A 134 -24.84 -6.96 8.44
C ILE A 134 -25.06 -8.41 8.95
N GLN A 135 -26.30 -8.93 8.86
CA GLN A 135 -26.58 -10.31 9.22
C GLN A 135 -25.84 -11.25 8.29
N GLU A 136 -25.82 -10.98 6.97
CA GLU A 136 -25.11 -11.87 6.05
C GLU A 136 -23.61 -11.80 6.31
N ILE A 137 -23.08 -10.62 6.60
CA ILE A 137 -21.65 -10.49 6.92
C ILE A 137 -21.29 -11.29 8.18
N ILE A 138 -22.12 -11.20 9.22
CA ILE A 138 -21.88 -11.95 10.44
C ILE A 138 -21.87 -13.47 10.17
N SER A 139 -22.81 -13.96 9.36
CA SER A 139 -22.87 -15.38 8.99
C SER A 139 -21.67 -15.83 8.18
N VAL A 140 -21.32 -15.09 7.11
CA VAL A 140 -20.18 -15.42 6.27
C VAL A 140 -18.87 -15.43 7.10
N CYS A 141 -18.76 -14.52 8.06
CA CYS A 141 -17.56 -14.44 8.89
C CYS A 141 -17.52 -15.44 10.04
N GLY A 142 -18.56 -16.22 10.24
CA GLY A 142 -18.59 -17.21 11.31
C GLY A 142 -18.75 -16.58 12.68
N LEU A 143 -19.43 -15.43 12.75
CA LEU A 143 -19.66 -14.70 14.00
C LEU A 143 -21.06 -14.89 14.60
N ASP A 144 -21.91 -15.73 14.02
CA ASP A 144 -23.26 -15.99 14.54
C ASP A 144 -23.19 -16.71 15.88
N ASN A 145 -22.21 -17.61 16.04
CA ASN A 145 -21.96 -18.34 17.27
C ASN A 145 -20.57 -17.91 17.67
N PRO A 146 -20.46 -16.83 18.46
CA PRO A 146 -19.14 -16.36 18.85
C PRO A 146 -18.55 -17.12 20.03
N GLU A 147 -17.52 -17.92 19.76
CA GLU A 147 -16.85 -18.70 20.79
C GLU A 147 -15.35 -18.50 20.66
N LYS A 148 -14.82 -18.52 19.43
CA LYS A 148 -13.41 -18.31 19.15
C LYS A 148 -12.92 -16.91 19.53
N LEU A 149 -13.84 -15.93 19.61
CA LEU A 149 -13.55 -14.54 19.98
C LEU A 149 -13.29 -14.35 21.47
N GLY A 150 -13.86 -15.20 22.31
CA GLY A 150 -13.67 -15.12 23.76
C GLY A 150 -14.38 -13.98 24.45
N ASN A 151 -13.64 -13.21 25.25
CA ASN A 151 -14.23 -12.09 25.99
C ASN A 151 -14.04 -10.73 25.30
N ARG A 152 -13.51 -10.69 24.07
CA ARG A 152 -13.28 -9.42 23.38
C ARG A 152 -14.61 -8.75 23.07
N SER A 153 -14.72 -7.46 23.35
CA SER A 153 -15.92 -6.72 22.98
C SER A 153 -15.88 -6.49 21.48
N TRP A 154 -17.00 -6.66 20.83
CA TRP A 154 -17.08 -6.47 19.39
C TRP A 154 -18.45 -6.01 18.94
N HIS A 155 -18.53 -5.38 17.77
CA HIS A 155 -19.80 -4.90 17.24
C HIS A 155 -19.71 -4.78 15.72
N ILE A 156 -20.82 -4.64 15.03
CA ILE A 156 -20.82 -4.42 13.59
C ILE A 156 -21.71 -3.20 13.30
N GLN A 157 -21.17 -2.25 12.54
CA GLN A 157 -21.88 -1.01 12.24
C GLN A 157 -21.97 -0.83 10.74
N PRO A 158 -23.19 -0.71 10.17
CA PRO A 158 -23.31 -0.40 8.73
C PRO A 158 -23.01 1.09 8.48
N THR A 159 -22.30 1.39 7.40
CA THR A 159 -21.95 2.78 7.04
C THR A 159 -22.03 3.05 5.52
N VAL A 160 -22.06 4.35 5.17
CA VAL A 160 -21.91 4.88 3.84
C VAL A 160 -20.88 5.99 4.06
N ALA A 161 -19.59 5.65 3.96
CA ALA A 161 -18.51 6.58 4.25
C ALA A 161 -18.52 7.83 3.39
N THR A 162 -19.02 7.72 2.16
CA THR A 162 -19.10 8.86 1.24
C THR A 162 -20.08 9.93 1.72
N THR A 163 -21.17 9.56 2.42
CA THR A 163 -22.11 10.56 2.97
C THR A 163 -21.90 10.80 4.47
N GLY A 164 -21.17 9.91 5.13
CA GLY A 164 -20.97 9.95 6.56
C GLY A 164 -22.01 9.15 7.31
N GLN A 165 -23.01 8.55 6.64
CA GLN A 165 -24.04 7.77 7.35
C GLN A 165 -23.41 6.65 8.20
N GLY A 166 -23.76 6.60 9.48
CA GLY A 166 -23.20 5.61 10.40
C GLY A 166 -21.79 5.83 10.92
N VAL A 167 -21.06 6.80 10.35
CA VAL A 167 -19.68 7.04 10.74
C VAL A 167 -19.57 7.57 12.17
N GLU A 168 -20.41 8.53 12.55
CA GLU A 168 -20.38 9.07 13.93
C GLU A 168 -20.68 7.95 14.95
N GLU A 169 -21.67 7.10 14.63
CA GLU A 169 -22.04 5.96 15.48
C GLU A 169 -20.88 4.94 15.59
N ALA A 170 -20.16 4.70 14.48
CA ALA A 170 -18.97 3.82 14.51
C ALA A 170 -17.91 4.38 15.50
N ILE A 171 -17.56 5.69 15.37
CA ILE A 171 -16.58 6.29 16.26
C ILE A 171 -17.06 6.27 17.69
N LYS A 172 -18.36 6.51 17.92
CA LYS A 172 -18.95 6.52 19.27
C LYS A 172 -18.76 5.20 19.96
N TRP A 173 -18.96 4.07 19.23
CA TRP A 173 -18.80 2.76 19.84
C TRP A 173 -17.35 2.59 20.33
N ILE A 174 -16.36 2.96 19.48
CA ILE A 174 -14.94 2.84 19.86
C ILE A 174 -14.64 3.68 21.11
N VAL A 175 -15.05 4.96 21.11
CA VAL A 175 -14.79 5.85 22.24
C VAL A 175 -15.45 5.33 23.50
N MET A 176 -16.71 4.85 23.38
CA MET A 176 -17.38 4.31 24.57
C MET A 176 -16.65 3.12 25.17
N GLU A 177 -16.12 2.20 24.33
CA GLU A 177 -15.38 1.04 24.86
C GLU A 177 -14.08 1.49 25.58
N LEU A 178 -13.48 2.62 25.17
CA LEU A 178 -12.26 3.13 25.77
C LEU A 178 -12.50 4.18 26.89
N ASP A 179 -13.74 4.48 27.20
CA ASP A 179 -14.06 5.54 28.17
C ASP A 179 -14.05 5.02 29.59
N LYS A 180 -13.12 5.53 30.41
CA LYS A 180 -12.99 5.14 31.80
C LYS A 180 -14.20 5.56 32.65
N LEU A 181 -15.02 6.50 32.18
CA LEU A 181 -16.19 6.95 32.93
C LEU A 181 -17.40 6.02 32.83
N LEU A 182 -17.41 5.09 31.86
CA LEU A 182 -18.55 4.21 31.66
C LEU A 182 -18.36 2.84 32.30
N LEU B 2 5.85 -13.02 -29.02
CA LEU B 2 5.67 -11.79 -28.24
C LEU B 2 6.67 -11.76 -27.12
N LEU B 3 7.40 -10.65 -27.02
CA LEU B 3 8.49 -10.41 -26.09
C LEU B 3 9.51 -11.56 -26.17
N SER B 4 9.81 -12.00 -27.41
CA SER B 4 10.78 -13.09 -27.64
C SER B 4 12.11 -12.80 -26.97
N PHE B 5 12.47 -11.52 -26.93
CA PHE B 5 13.71 -11.09 -26.33
C PHE B 5 13.76 -11.28 -24.82
N LEU B 6 12.65 -11.66 -24.14
CA LEU B 6 12.75 -11.99 -22.69
C LEU B 6 13.63 -13.26 -22.54
N GLN B 7 13.78 -14.09 -23.60
CA GLN B 7 14.69 -15.24 -23.60
C GLN B 7 16.12 -14.81 -23.34
N ARG B 8 16.49 -13.53 -23.64
CA ARG B 8 17.83 -13.02 -23.34
C ARG B 8 18.07 -12.94 -21.83
N LEU B 9 17.00 -12.90 -21.02
CA LEU B 9 17.16 -12.97 -19.57
C LEU B 9 17.04 -14.43 -19.13
N PHE B 10 16.00 -15.16 -19.62
CA PHE B 10 15.74 -16.55 -19.22
C PHE B 10 16.90 -17.48 -19.52
N ARG B 11 17.62 -17.21 -20.60
CA ARG B 11 18.74 -18.06 -21.00
C ARG B 11 20.06 -17.68 -20.36
N GLN B 12 20.10 -16.63 -19.50
CA GLN B 12 21.30 -16.25 -18.75
C GLN B 12 21.22 -16.93 -17.37
N LYS B 13 22.31 -17.57 -16.97
CA LYS B 13 22.41 -18.35 -15.74
C LYS B 13 22.58 -17.53 -14.43
N LYS B 14 21.66 -16.65 -14.16
CA LYS B 14 21.65 -15.85 -12.95
C LYS B 14 20.22 -15.44 -12.63
N GLN B 15 20.00 -14.85 -11.45
CA GLN B 15 18.70 -14.37 -11.05
C GLN B 15 18.63 -12.86 -11.34
N PHE B 16 17.54 -12.42 -11.94
CA PHE B 16 17.36 -10.99 -12.22
C PHE B 16 16.25 -10.45 -11.35
N LYS B 17 16.43 -9.24 -10.83
CA LYS B 17 15.42 -8.59 -10.03
C LYS B 17 15.21 -7.21 -10.61
N ILE B 18 13.99 -6.91 -11.05
CA ILE B 18 13.71 -5.59 -11.61
C ILE B 18 12.83 -4.83 -10.63
N ALA B 19 13.37 -3.73 -10.08
CA ALA B 19 12.63 -2.93 -9.12
C ALA B 19 11.73 -2.00 -9.92
N VAL B 20 10.40 -2.03 -9.68
CA VAL B 20 9.47 -1.18 -10.41
C VAL B 20 8.87 -0.28 -9.36
N VAL B 21 9.32 0.98 -9.33
CA VAL B 21 8.96 1.94 -8.30
C VAL B 21 8.40 3.25 -8.89
N GLY B 22 7.76 4.02 -8.05
CA GLY B 22 7.16 5.29 -8.38
C GLY B 22 6.02 5.57 -7.43
N LEU B 23 5.42 6.75 -7.55
CA LEU B 23 4.28 7.10 -6.70
C LEU B 23 3.10 6.20 -6.98
N ASP B 24 2.23 6.06 -5.99
CA ASP B 24 0.98 5.32 -6.16
C ASP B 24 0.17 5.93 -7.33
N SER B 25 -0.47 5.09 -8.14
CA SER B 25 -1.28 5.48 -9.30
C SER B 25 -0.50 5.94 -10.51
N ALA B 26 0.83 5.76 -10.52
CA ALA B 26 1.62 6.10 -11.70
C ALA B 26 1.34 5.15 -12.88
N GLY B 27 0.97 3.89 -12.59
CA GLY B 27 0.69 2.92 -13.64
C GLY B 27 1.56 1.67 -13.63
N LYS B 28 2.25 1.41 -12.53
CA LYS B 28 3.15 0.27 -12.43
C LYS B 28 2.48 -1.08 -12.64
N THR B 29 1.38 -1.35 -11.90
CA THR B 29 0.66 -2.62 -12.05
C THR B 29 0.11 -2.76 -13.46
N THR B 30 -0.47 -1.69 -14.01
CA THR B 30 -1.06 -1.72 -15.34
C THR B 30 -0.02 -1.99 -16.42
N MET B 31 1.15 -1.37 -16.31
CA MET B 31 2.23 -1.56 -17.26
C MET B 31 2.72 -3.00 -17.27
N LEU B 32 2.92 -3.58 -16.08
CA LEU B 32 3.48 -4.92 -15.95
C LEU B 32 2.52 -6.05 -16.26
N ASN B 33 1.20 -5.78 -16.31
CA ASN B 33 0.25 -6.84 -16.61
C ASN B 33 0.47 -7.49 -17.99
N PHE B 34 1.07 -6.74 -18.94
CA PHE B 34 1.40 -7.20 -20.31
C PHE B 34 2.41 -8.35 -20.38
N LEU B 35 3.08 -8.65 -19.27
CA LEU B 35 4.09 -9.69 -19.18
C LEU B 35 3.48 -11.03 -18.68
N ARG B 36 2.34 -10.97 -17.99
CA ARG B 36 1.59 -12.12 -17.45
C ARG B 36 2.37 -12.95 -16.44
N PHE B 37 3.34 -12.33 -15.75
CA PHE B 37 4.12 -13.04 -14.73
C PHE B 37 3.19 -13.53 -13.60
N GLU B 38 3.64 -14.54 -12.84
CA GLU B 38 2.79 -15.10 -11.79
C GLU B 38 3.08 -14.48 -10.45
N LYS B 39 2.00 -14.04 -9.77
CA LYS B 39 2.10 -13.41 -8.46
C LYS B 39 2.62 -14.40 -7.47
N ASN B 40 3.62 -13.99 -6.70
CA ASN B 40 4.28 -14.78 -5.69
C ASN B 40 4.59 -13.91 -4.45
N ILE B 41 4.93 -14.55 -3.33
CA ILE B 41 5.24 -13.81 -2.10
C ILE B 41 6.73 -13.92 -1.75
N GLU B 42 7.44 -12.80 -1.79
CA GLU B 42 8.84 -12.77 -1.41
C GLU B 42 8.87 -12.50 0.08
N THR B 43 9.41 -13.43 0.84
CA THR B 43 9.47 -13.29 2.29
C THR B 43 10.80 -12.75 2.72
N LEU B 44 10.80 -11.72 3.57
CA LEU B 44 12.05 -11.12 4.04
C LEU B 44 12.09 -11.10 5.57
N PRO B 45 12.35 -12.27 6.20
CA PRO B 45 12.32 -12.35 7.67
C PRO B 45 13.24 -11.40 8.41
N THR B 46 14.41 -11.11 7.84
CA THR B 46 15.38 -10.21 8.45
C THR B 46 14.89 -8.75 8.50
N ILE B 47 14.03 -8.33 7.58
CA ILE B 47 13.49 -6.95 7.62
C ILE B 47 12.13 -6.90 8.36
N GLY B 48 11.39 -8.00 8.37
CA GLY B 48 10.10 -8.04 9.05
C GLY B 48 8.89 -7.85 8.14
N VAL B 49 9.12 -7.90 6.81
CA VAL B 49 8.03 -7.74 5.86
C VAL B 49 8.02 -8.85 4.80
N ASN B 50 6.87 -9.03 4.14
CA ASN B 50 6.71 -9.91 3.01
C ASN B 50 6.21 -8.98 1.89
N VAL B 51 6.61 -9.25 0.64
CA VAL B 51 6.18 -8.41 -0.48
C VAL B 51 5.67 -9.20 -1.64
N GLU B 52 4.71 -8.63 -2.38
CA GLU B 52 4.20 -9.28 -3.57
C GLU B 52 5.22 -9.07 -4.66
N VAL B 53 5.56 -10.14 -5.35
CA VAL B 53 6.47 -10.06 -6.48
C VAL B 53 5.84 -10.74 -7.70
N LEU B 54 6.27 -10.36 -8.90
CA LEU B 54 5.80 -10.99 -10.14
C LEU B 54 6.97 -11.87 -10.59
N LYS B 55 6.74 -13.16 -10.90
CA LYS B 55 7.85 -14.05 -11.24
C LYS B 55 7.65 -14.86 -12.50
N ARG B 56 8.74 -15.04 -13.25
CA ARG B 56 8.75 -15.93 -14.42
C ARG B 56 10.16 -16.41 -14.59
N GLN B 57 10.35 -17.72 -14.42
CA GLN B 57 11.66 -18.35 -14.50
C GLN B 57 12.66 -17.67 -13.50
N ASN B 58 13.74 -17.09 -14.02
CA ASN B 58 14.76 -16.44 -13.24
C ASN B 58 14.57 -14.91 -13.18
N VAL B 59 13.39 -14.40 -13.51
CA VAL B 59 13.16 -12.95 -13.48
C VAL B 59 12.11 -12.62 -12.48
N ASN B 60 12.41 -11.73 -11.54
CA ASN B 60 11.47 -11.27 -10.52
C ASN B 60 11.21 -9.79 -10.73
N LEU B 61 9.97 -9.34 -10.68
CA LEU B 61 9.60 -7.93 -10.77
C LEU B 61 9.04 -7.55 -9.40
N SER B 62 9.60 -6.50 -8.78
CA SER B 62 9.11 -6.07 -7.47
CA SER B 62 9.13 -6.07 -7.46
C SER B 62 8.51 -4.69 -7.54
N ILE B 63 7.18 -4.59 -7.39
CA ILE B 63 6.51 -3.29 -7.45
C ILE B 63 6.44 -2.68 -6.05
N PHE B 64 6.81 -1.40 -5.92
CA PHE B 64 6.71 -0.71 -4.63
C PHE B 64 6.31 0.76 -4.84
N ASP B 65 5.31 1.23 -4.07
CA ASP B 65 4.87 2.62 -4.17
C ASP B 65 5.78 3.46 -3.31
N LEU B 66 6.44 4.44 -3.91
CA LEU B 66 7.30 5.39 -3.19
C LEU B 66 6.49 6.62 -2.78
N GLY B 67 6.97 7.30 -1.73
CA GLY B 67 6.36 8.53 -1.28
C GLY B 67 4.96 8.41 -0.73
N GLY B 68 4.61 7.23 -0.29
CA GLY B 68 3.30 6.98 0.26
C GLY B 68 3.40 6.91 1.76
N GLN B 69 2.76 5.93 2.35
CA GLN B 69 2.75 5.78 3.79
C GLN B 69 4.05 5.23 4.40
N LEU B 70 4.76 4.37 3.68
CA LEU B 70 5.99 3.74 4.18
C LEU B 70 7.26 4.33 3.60
N HIS B 71 8.21 4.65 4.48
CA HIS B 71 9.49 5.20 4.06
C HIS B 71 10.62 4.39 4.67
N PHE B 72 11.20 3.48 3.89
CA PHE B 72 12.29 2.64 4.37
C PHE B 72 13.60 3.41 4.36
N ARG B 73 14.38 3.28 5.44
CA ARG B 73 15.69 3.93 5.56
C ARG B 73 16.68 3.46 4.49
N ASN B 74 16.75 2.15 4.27
CA ASN B 74 17.71 1.60 3.32
C ASN B 74 16.96 0.70 2.35
N LEU B 75 16.09 1.31 1.52
CA LEU B 75 15.26 0.55 0.60
C LEU B 75 16.07 -0.28 -0.37
N TRP B 76 17.15 0.27 -0.92
CA TRP B 76 17.94 -0.46 -1.90
C TRP B 76 18.88 -1.52 -1.27
N GLY B 77 19.02 -1.51 0.06
CA GLY B 77 19.81 -2.50 0.76
C GLY B 77 18.96 -3.53 1.50
N THR B 78 17.64 -3.32 1.54
CA THR B 78 16.73 -4.21 2.24
C THR B 78 15.64 -4.76 1.28
N LEU B 79 14.50 -4.04 1.09
CA LEU B 79 13.40 -4.51 0.25
C LEU B 79 13.81 -4.72 -1.19
N MET B 80 14.63 -3.81 -1.72
CA MET B 80 15.08 -3.91 -3.10
C MET B 80 16.53 -4.37 -3.20
N LYS B 81 16.98 -5.20 -2.24
CA LYS B 81 18.34 -5.73 -2.30
C LYS B 81 18.49 -6.66 -3.51
N GLY B 82 19.62 -6.56 -4.19
CA GLY B 82 19.93 -7.37 -5.35
C GLY B 82 19.27 -6.91 -6.63
N SER B 83 18.87 -5.64 -6.70
CA SER B 83 18.22 -5.12 -7.91
C SER B 83 19.19 -5.08 -9.08
N SER B 84 18.77 -5.68 -10.20
CA SER B 84 19.53 -5.74 -11.44
C SER B 84 19.27 -4.50 -12.31
N ALA B 85 18.04 -3.95 -12.23
CA ALA B 85 17.62 -2.81 -13.03
C ALA B 85 16.47 -2.14 -12.31
N ILE B 86 16.23 -0.87 -12.62
CA ILE B 86 15.17 -0.11 -12.01
C ILE B 86 14.28 0.50 -13.06
N ILE B 87 12.96 0.39 -12.88
CA ILE B 87 12.00 1.08 -13.73
C ILE B 87 11.28 2.06 -12.80
N PHE B 88 11.36 3.37 -13.09
CA PHE B 88 10.72 4.42 -12.29
C PHE B 88 9.54 4.95 -13.09
N VAL B 89 8.31 4.67 -12.67
CA VAL B 89 7.11 5.04 -13.42
C VAL B 89 6.55 6.32 -12.86
N MET B 90 6.24 7.26 -13.75
CA MET B 90 5.64 8.54 -13.39
C MET B 90 4.34 8.73 -14.15
N ASP B 91 3.36 9.34 -13.48
CA ASP B 91 2.12 9.68 -14.16
C ASP B 91 2.47 11.02 -14.83
N SER B 92 2.67 11.05 -16.16
CA SER B 92 3.05 12.29 -16.84
CA SER B 92 3.02 12.29 -16.85
C SER B 92 1.90 13.29 -16.89
N ALA B 93 0.66 12.86 -16.62
CA ALA B 93 -0.47 13.78 -16.66
C ALA B 93 -0.72 14.43 -15.28
N ASP B 94 0.02 14.03 -14.23
CA ASP B 94 -0.21 14.55 -12.90
C ASP B 94 0.79 15.63 -12.48
N ARG B 95 0.48 16.89 -12.82
CA ARG B 95 1.28 18.04 -12.39
C ARG B 95 1.21 18.29 -10.90
N TYR B 96 0.14 17.82 -10.25
CA TYR B 96 0.02 17.99 -8.80
C TYR B 96 1.04 17.13 -8.06
N ARG B 97 1.50 16.03 -8.66
CA ARG B 97 2.46 15.15 -8.00
C ARG B 97 3.82 15.06 -8.65
N ILE B 98 4.08 15.84 -9.73
CA ILE B 98 5.35 15.71 -10.43
C ILE B 98 6.53 16.14 -9.54
N GLU B 99 6.34 17.10 -8.60
CA GLU B 99 7.46 17.47 -7.75
C GLU B 99 7.78 16.38 -6.74
N GLU B 100 6.75 15.68 -6.22
CA GLU B 100 7.01 14.57 -5.32
C GLU B 100 7.67 13.42 -6.07
N ALA B 101 7.23 13.15 -7.32
CA ALA B 101 7.86 12.08 -8.12
C ALA B 101 9.33 12.42 -8.38
N LYS B 102 9.63 13.70 -8.74
CA LYS B 102 11.00 14.18 -8.93
C LYS B 102 11.83 13.97 -7.65
N ASN B 103 11.27 14.34 -6.48
CA ASN B 103 11.96 14.16 -5.20
C ASN B 103 12.27 12.70 -4.92
N GLU B 104 11.30 11.82 -5.22
CA GLU B 104 11.52 10.38 -5.01
C GLU B 104 12.53 9.81 -5.95
N LEU B 105 12.55 10.31 -7.20
CA LEU B 105 13.52 9.86 -8.20
C LEU B 105 14.93 10.21 -7.76
N TRP B 106 15.14 11.42 -7.25
CA TRP B 106 16.47 11.84 -6.81
C TRP B 106 16.91 11.11 -5.55
N LYS B 107 15.97 10.71 -4.67
CA LYS B 107 16.32 9.90 -3.51
C LYS B 107 16.87 8.52 -4.00
N VAL B 108 16.30 7.96 -5.09
CA VAL B 108 16.75 6.71 -5.71
C VAL B 108 18.12 6.89 -6.36
N LEU B 109 18.29 7.96 -7.17
CA LEU B 109 19.54 8.23 -7.88
C LEU B 109 20.72 8.46 -6.97
N LEU B 110 20.53 9.21 -5.89
CA LEU B 110 21.61 9.52 -4.95
C LEU B 110 21.81 8.45 -3.87
N ASP B 111 21.23 7.25 -4.04
CA ASP B 111 21.33 6.13 -3.10
C ASP B 111 22.56 5.27 -3.44
N PRO B 112 23.34 4.87 -2.43
CA PRO B 112 24.58 4.13 -2.70
C PRO B 112 24.52 2.60 -2.85
N ASN B 113 23.34 1.96 -2.92
CA ASN B 113 23.31 0.50 -3.05
C ASN B 113 23.60 -0.01 -4.46
N TYR B 114 22.85 0.45 -5.46
CA TYR B 114 23.10 0.05 -6.84
C TYR B 114 23.24 1.28 -7.71
N PRO B 115 24.33 2.06 -7.53
CA PRO B 115 24.51 3.27 -8.36
C PRO B 115 24.77 3.00 -9.84
N ASP B 116 24.83 1.72 -10.26
CA ASP B 116 25.05 1.43 -11.65
C ASP B 116 24.06 0.48 -12.32
N ALA B 117 23.03 -0.02 -11.61
CA ALA B 117 21.98 -0.81 -12.28
C ALA B 117 21.28 0.18 -13.24
N PRO B 118 20.95 -0.22 -14.48
CA PRO B 118 20.33 0.74 -15.40
C PRO B 118 18.97 1.21 -14.88
N LEU B 119 18.61 2.47 -15.19
CA LEU B 119 17.33 3.01 -14.72
C LEU B 119 16.53 3.54 -15.88
N LEU B 120 15.32 3.02 -16.03
CA LEU B 120 14.42 3.51 -17.06
C LEU B 120 13.35 4.38 -16.42
N ILE B 121 13.18 5.62 -16.90
CA ILE B 121 12.07 6.43 -16.45
C ILE B 121 10.94 6.21 -17.42
N VAL B 122 9.77 5.82 -16.93
CA VAL B 122 8.62 5.62 -17.79
C VAL B 122 7.68 6.81 -17.58
N ALA B 123 7.47 7.60 -18.65
CA ALA B 123 6.57 8.76 -18.59
C ALA B 123 5.20 8.22 -19.04
N ASN B 124 4.42 7.69 -18.10
CA ASN B 124 3.17 7.01 -18.38
C ASN B 124 1.95 7.94 -18.50
N LYS B 125 0.81 7.42 -19.07
CA LYS B 125 -0.44 8.18 -19.24
C LYS B 125 -0.29 9.32 -20.28
N GLN B 126 0.51 9.08 -21.33
CA GLN B 126 0.70 10.01 -22.44
C GLN B 126 -0.57 10.29 -23.26
N ASP B 127 -1.60 9.43 -23.08
CA ASP B 127 -2.92 9.54 -23.72
C ASP B 127 -3.77 10.65 -23.10
N LYS B 128 -3.55 10.97 -21.81
CA LYS B 128 -4.33 11.97 -21.09
C LYS B 128 -4.13 13.41 -21.58
N GLU B 129 -5.20 14.24 -21.54
CA GLU B 129 -5.17 15.60 -22.06
C GLU B 129 -4.02 16.53 -21.53
N GLY B 130 -3.77 16.55 -20.23
CA GLY B 130 -2.71 17.41 -19.69
C GLY B 130 -1.31 16.83 -19.68
N ALA B 131 -1.10 15.66 -20.33
CA ALA B 131 0.19 14.97 -20.24
C ALA B 131 1.41 15.82 -20.60
N MET B 132 2.42 15.75 -19.74
CA MET B 132 3.70 16.42 -19.91
C MET B 132 4.56 15.64 -20.91
N SER B 133 5.31 16.36 -21.74
CA SER B 133 6.20 15.72 -22.69
C SER B 133 7.41 15.13 -21.94
N ILE B 134 8.10 14.14 -22.54
CA ILE B 134 9.30 13.58 -21.90
C ILE B 134 10.37 14.67 -21.69
N GLN B 135 10.43 15.71 -22.57
CA GLN B 135 11.40 16.80 -22.40
C GLN B 135 11.05 17.71 -21.23
N GLU B 136 9.75 17.98 -21.02
CA GLU B 136 9.34 18.76 -19.85
C GLU B 136 9.62 17.97 -18.57
N ILE B 137 9.43 16.64 -18.59
CA ILE B 137 9.74 15.83 -17.40
C ILE B 137 11.25 15.89 -17.12
N ILE B 138 12.07 15.81 -18.18
CA ILE B 138 13.53 15.91 -18.02
C ILE B 138 13.94 17.26 -17.40
N SER B 139 13.30 18.35 -17.84
CA SER B 139 13.59 19.69 -17.34
C SER B 139 13.15 19.84 -15.90
N VAL B 140 11.92 19.44 -15.58
CA VAL B 140 11.42 19.49 -14.20
C VAL B 140 12.30 18.69 -13.24
N CYS B 141 12.72 17.48 -13.63
CA CYS B 141 13.54 16.60 -12.79
C CYS B 141 15.05 16.93 -12.80
N GLY B 142 15.46 17.92 -13.58
CA GLY B 142 16.86 18.33 -13.63
C GLY B 142 17.78 17.33 -14.30
N LEU B 143 17.24 16.54 -15.21
CA LEU B 143 18.01 15.51 -15.95
C LEU B 143 18.60 16.04 -17.26
N ASP B 144 18.66 17.35 -17.45
CA ASP B 144 19.17 17.96 -18.67
C ASP B 144 20.71 17.91 -18.71
N LEU B 149 24.00 12.95 -13.44
CA LEU B 149 24.23 11.51 -13.35
C LEU B 149 25.64 11.13 -13.87
N GLY B 150 25.79 10.96 -15.20
CA GLY B 150 27.07 10.65 -15.82
C GLY B 150 27.54 9.20 -15.67
N ASN B 151 27.67 8.73 -14.42
CA ASN B 151 28.14 7.38 -14.14
C ASN B 151 27.04 6.32 -14.13
N ARG B 152 25.84 6.64 -14.66
CA ARG B 152 24.76 5.66 -14.69
C ARG B 152 24.04 5.63 -16.02
N SER B 153 23.67 4.43 -16.44
CA SER B 153 22.91 4.26 -17.66
C SER B 153 21.44 4.58 -17.36
N TRP B 154 20.86 5.51 -18.11
CA TRP B 154 19.45 5.84 -17.94
C TRP B 154 18.78 6.19 -19.27
N HIS B 155 17.45 6.09 -19.31
CA HIS B 155 16.66 6.42 -20.49
C HIS B 155 15.26 6.83 -20.07
N ILE B 156 14.52 7.51 -20.92
CA ILE B 156 13.15 7.88 -20.62
C ILE B 156 12.25 7.44 -21.78
N GLN B 157 11.14 6.75 -21.45
CA GLN B 157 10.24 6.21 -22.44
C GLN B 157 8.82 6.67 -22.20
N PRO B 158 8.17 7.26 -23.21
CA PRO B 158 6.74 7.57 -23.07
C PRO B 158 5.88 6.33 -23.29
N THR B 159 4.85 6.15 -22.47
CA THR B 159 3.95 4.99 -22.57
C THR B 159 2.48 5.34 -22.32
N VAL B 160 1.58 4.45 -22.75
CA VAL B 160 0.17 4.44 -22.43
C VAL B 160 -0.03 3.02 -21.90
N ALA B 161 0.10 2.80 -20.58
CA ALA B 161 0.02 1.47 -19.97
C ALA B 161 -1.31 0.77 -20.18
N THR B 162 -2.38 1.53 -20.34
CA THR B 162 -3.72 0.95 -20.55
C THR B 162 -3.83 0.20 -21.88
N THR B 163 -3.18 0.71 -22.94
CA THR B 163 -3.20 0.05 -24.24
C THR B 163 -1.94 -0.75 -24.56
N GLY B 164 -0.86 -0.48 -23.83
CA GLY B 164 0.42 -1.12 -24.05
C GLY B 164 1.36 -0.31 -24.91
N GLN B 165 0.92 0.84 -25.45
CA GLN B 165 1.76 1.66 -26.31
C GLN B 165 3.06 2.07 -25.58
N GLY B 166 4.21 1.79 -26.20
CA GLY B 166 5.52 2.11 -25.62
C GLY B 166 6.03 1.12 -24.58
N VAL B 167 5.18 0.18 -24.14
CA VAL B 167 5.54 -0.78 -23.10
C VAL B 167 6.59 -1.80 -23.57
N GLU B 168 6.48 -2.25 -24.83
CA GLU B 168 7.45 -3.20 -25.37
C GLU B 168 8.81 -2.57 -25.48
N GLU B 169 8.88 -1.30 -25.94
CA GLU B 169 10.15 -0.61 -26.05
C GLU B 169 10.74 -0.35 -24.67
N ALA B 170 9.90 -0.04 -23.69
CA ALA B 170 10.37 0.14 -22.30
C ALA B 170 11.06 -1.15 -21.78
N ILE B 171 10.37 -2.32 -21.85
CA ILE B 171 10.97 -3.58 -21.39
C ILE B 171 12.20 -3.91 -22.24
N LYS B 172 12.15 -3.63 -23.57
CA LYS B 172 13.26 -3.92 -24.48
C LYS B 172 14.53 -3.21 -24.05
N TRP B 173 14.42 -1.93 -23.65
CA TRP B 173 15.58 -1.18 -23.22
C TRP B 173 16.24 -1.83 -21.99
N ILE B 174 15.43 -2.21 -21.00
CA ILE B 174 15.92 -2.85 -19.79
C ILE B 174 16.64 -4.17 -20.12
N VAL B 175 16.01 -5.03 -20.94
CA VAL B 175 16.60 -6.33 -21.31
C VAL B 175 17.91 -6.10 -22.05
N MET B 176 17.94 -5.13 -22.99
CA MET B 176 19.20 -4.85 -23.69
C MET B 176 20.34 -4.47 -22.71
N GLU B 177 20.03 -3.64 -21.71
CA GLU B 177 21.05 -3.25 -20.73
C GLU B 177 21.55 -4.46 -19.92
N LEU B 178 20.70 -5.48 -19.71
CA LEU B 178 21.06 -6.68 -18.95
C LEU B 178 21.62 -7.84 -19.81
N ASP B 179 21.71 -7.64 -21.12
CA ASP B 179 22.08 -8.72 -22.03
C ASP B 179 23.55 -8.77 -22.35
N LYS B 180 24.27 -9.69 -21.73
CA LYS B 180 25.71 -9.81 -21.95
C LYS B 180 26.09 -10.33 -23.36
N LEU B 181 25.12 -10.77 -24.18
CA LEU B 181 25.40 -11.18 -25.54
C LEU B 181 25.47 -10.00 -26.52
N LEU B 182 25.06 -8.79 -26.08
CA LEU B 182 25.12 -7.61 -26.92
C LEU B 182 26.51 -6.97 -26.78
PB GDP C . -9.26 2.53 1.63
O1B GDP C . -8.24 1.96 0.65
O2B GDP C . -8.72 3.69 2.42
O3B GDP C . -9.91 1.44 2.49
O3A GDP C . -10.47 3.09 0.75
PA GDP C . -10.89 4.54 0.27
O1A GDP C . -9.70 5.06 -0.52
O2A GDP C . -11.27 5.43 1.38
O5' GDP C . -12.13 4.27 -0.70
C5' GDP C . -12.02 3.44 -1.87
C4' GDP C . -13.06 3.85 -2.88
O4' GDP C . -14.37 3.54 -2.35
C3' GDP C . -13.09 5.34 -3.23
O3' GDP C . -13.40 5.53 -4.61
C2' GDP C . -14.22 5.87 -2.35
O2' GDP C . -14.83 7.07 -2.81
C1' GDP C . -15.19 4.69 -2.38
N9 GDP C . -16.09 4.65 -1.23
C8 GDP C . -15.75 4.75 0.10
N7 GDP C . -16.77 4.60 0.92
C5 GDP C . -17.84 4.37 0.08
C6 GDP C . -19.22 4.11 0.37
O6 GDP C . -19.74 3.97 1.48
N1 GDP C . -19.97 3.95 -0.78
C2 GDP C . -19.49 4.01 -2.06
N2 GDP C . -20.38 3.82 -3.04
N3 GDP C . -18.21 4.23 -2.35
C4 GDP C . -17.45 4.41 -1.26
MG MG D . -5.90 2.04 0.43
PB GDP E . 0.27 1.86 -9.60
O1B GDP E . 0.49 0.37 -9.67
O2B GDP E . 1.47 2.69 -10.00
O3B GDP E . -0.18 2.20 -8.25
O3A GDP E . -0.86 2.20 -10.67
PA GDP E . -2.01 1.40 -11.40
O1A GDP E . -1.48 0.38 -12.34
O2A GDP E . -2.83 0.86 -10.23
O5' GDP E . -2.81 2.53 -12.19
C5' GDP E . -3.47 3.61 -11.49
C4' GDP E . -4.68 4.06 -12.28
O4' GDP E . -4.26 4.74 -13.48
C3' GDP E . -5.65 2.98 -12.72
O3' GDP E . -6.96 3.52 -12.67
C2' GDP E . -5.20 2.70 -14.16
O2' GDP E . -6.22 2.18 -15.01
C1' GDP E . -4.81 4.10 -14.61
N9 GDP E . -3.80 4.11 -15.68
C8 GDP E . -2.63 3.40 -15.70
N7 GDP E . -1.91 3.63 -16.77
C5 GDP E . -2.65 4.54 -17.49
C6 GDP E . -2.40 5.17 -18.73
O6 GDP E . -1.38 5.08 -19.41
N1 GDP E . -3.43 6.01 -19.13
C2 GDP E . -4.57 6.23 -18.41
N2 GDP E . -5.47 7.08 -18.94
N3 GDP E . -4.82 5.66 -17.24
C4 GDP E . -3.83 4.85 -16.83
MG MG F . -0.21 1.28 -5.91
#